data_3NUU
#
_entry.id   3NUU
#
_cell.length_a   122.615
_cell.length_b   122.615
_cell.length_c   47.328
_cell.angle_alpha   90.00
_cell.angle_beta   90.00
_cell.angle_gamma   120.00
#
_symmetry.space_group_name_H-M   'P 32 2 1'
#
loop_
_entity.id
_entity.type
_entity.pdbx_description
1 polymer PkB-like
2 non-polymer GLYCEROL
3 non-polymer 'SULFATE ION'
4 non-polymer 3,4-dihydroisoquinolin-1(2H)-one
5 water water
#
_entity_poly.entity_id   1
_entity_poly.type   'polypeptide(L)'
_entity_poly.pdbx_seq_one_letter_code
;QPRKKRPEDFKFGKILGEGSFSTVVLARELATSREYAIKILEKRHIIKENKVPYVTRERDVMSRLDHPFFVKLYFTFQDD
EKLYFGLSYAKNGELLKYIRKIGSFDETCTRFYTAEIVSALEYLHGKGIIHRDLKPENILLNEDMHIQITDFGTAKVLSP
ESKQARAN(SEP)FVGTAQYVSPELLTEKSACKSSDLWALGCIIYQLVAGLPPFRAGNEYLIFQKIIKLEYDFPEKFFPK
ARDLVEKLLVLDATKRLGCEEMEGYGPLKAHPFFESVTWENLHQQTPPKL
;
_entity_poly.pdbx_strand_id   A
#
# COMPACT_ATOMS: atom_id res chain seq x y z
N GLN A 1 -19.09 -19.14 14.74
CA GLN A 1 -19.08 -18.18 13.63
C GLN A 1 -20.48 -17.93 13.10
N PRO A 2 -20.77 -16.69 12.69
CA PRO A 2 -22.09 -16.41 12.08
C PRO A 2 -22.28 -17.26 10.82
N ARG A 3 -23.53 -17.49 10.42
CA ARG A 3 -23.79 -18.26 9.21
C ARG A 3 -23.14 -17.57 8.02
N LYS A 4 -22.69 -18.36 7.05
CA LYS A 4 -22.08 -17.80 5.86
C LYS A 4 -23.03 -16.73 5.28
N LYS A 5 -22.48 -15.61 4.84
CA LYS A 5 -23.31 -14.62 4.16
C LYS A 5 -23.46 -15.01 2.70
N ARG A 6 -24.35 -14.33 1.99
CA ARG A 6 -24.63 -14.65 0.60
C ARG A 6 -25.03 -13.37 -0.10
N PRO A 7 -25.00 -13.37 -1.44
CA PRO A 7 -25.25 -12.12 -2.19
C PRO A 7 -26.57 -11.44 -1.80
N GLU A 8 -27.60 -12.24 -1.54
CA GLU A 8 -28.91 -11.69 -1.27
C GLU A 8 -28.96 -10.96 0.07
N ASP A 9 -27.90 -11.04 0.86
CA ASP A 9 -27.83 -10.32 2.14
C ASP A 9 -27.50 -8.85 1.95
N PHE A 10 -27.12 -8.48 0.73
CA PHE A 10 -26.62 -7.13 0.46
C PHE A 10 -27.41 -6.41 -0.63
N LYS A 11 -27.47 -5.10 -0.52
CA LYS A 11 -27.87 -4.26 -1.64
C LYS A 11 -26.57 -3.77 -2.26
N PHE A 12 -26.26 -4.23 -3.47
CA PHE A 12 -25.02 -3.79 -4.11
C PHE A 12 -25.19 -2.42 -4.74
N GLY A 13 -24.12 -1.65 -4.74
CA GLY A 13 -24.14 -0.30 -5.28
C GLY A 13 -23.07 -0.10 -6.34
N LYS A 14 -22.43 1.06 -6.33
CA LYS A 14 -21.48 1.41 -7.37
C LYS A 14 -20.22 0.57 -7.33
N ILE A 15 -19.57 0.47 -8.48
CA ILE A 15 -18.28 -0.16 -8.60
C ILE A 15 -17.23 0.82 -8.06
N LEU A 16 -16.37 0.34 -7.16
CA LEU A 16 -15.37 1.19 -6.52
C LEU A 16 -14.02 1.06 -7.20
N GLY A 17 -13.80 -0.08 -7.85
CA GLY A 17 -12.52 -0.34 -8.46
C GLY A 17 -12.59 -1.60 -9.28
N GLU A 18 -11.81 -1.66 -10.35
CA GLU A 18 -11.85 -2.81 -11.24
C GLU A 18 -10.46 -3.42 -11.37
N GLY A 19 -10.07 -4.15 -10.33
CA GLY A 19 -8.72 -4.67 -10.18
C GLY A 19 -8.27 -5.70 -11.20
N SER A 20 -7.24 -6.45 -10.84
CA SER A 20 -6.56 -7.35 -11.78
C SER A 20 -7.46 -8.48 -12.28
N PHE A 21 -7.94 -9.31 -11.36
CA PHE A 21 -8.87 -10.38 -11.68
C PHE A 21 -10.10 -10.27 -10.81
N SER A 22 -10.51 -9.03 -10.54
CA SER A 22 -11.56 -8.78 -9.56
C SER A 22 -12.22 -7.44 -9.82
N THR A 23 -13.40 -7.28 -9.23
CA THR A 23 -14.08 -6.01 -9.26
C THR A 23 -14.52 -5.73 -7.84
N VAL A 24 -14.28 -4.52 -7.36
CA VAL A 24 -14.72 -4.17 -6.02
C VAL A 24 -15.98 -3.34 -6.09
N VAL A 25 -17.03 -3.78 -5.41
CA VAL A 25 -18.33 -3.12 -5.44
C VAL A 25 -18.77 -2.70 -4.03
N LEU A 26 -19.26 -1.47 -3.92
CA LEU A 26 -19.82 -1.00 -2.67
C LEU A 26 -21.10 -1.75 -2.36
N ALA A 27 -21.22 -2.24 -1.12
CA ALA A 27 -22.42 -3.00 -0.74
C ALA A 27 -22.89 -2.64 0.66
N ARG A 28 -24.22 -2.55 0.79
CA ARG A 28 -24.81 -2.35 2.11
C ARG A 28 -25.48 -3.63 2.59
N GLU A 29 -25.04 -4.13 3.74
CA GLU A 29 -25.68 -5.27 4.36
C GLU A 29 -27.05 -4.87 4.90
N LEU A 30 -28.09 -5.58 4.46
CA LEU A 30 -29.46 -5.25 4.83
C LEU A 30 -29.73 -5.36 6.33
N ALA A 31 -29.35 -6.49 6.92
CA ALA A 31 -29.57 -6.74 8.34
C ALA A 31 -28.93 -5.72 9.31
N THR A 32 -27.86 -5.07 8.89
CA THR A 32 -27.07 -4.24 9.81
C THR A 32 -26.91 -2.80 9.34
N SER A 33 -27.22 -2.57 8.07
CA SER A 33 -27.03 -1.28 7.40
C SER A 33 -25.53 -0.90 7.25
N ARG A 34 -24.65 -1.86 7.50
CA ARG A 34 -23.21 -1.65 7.35
C ARG A 34 -22.78 -1.62 5.88
N GLU A 35 -21.84 -0.73 5.56
CA GLU A 35 -21.26 -0.66 4.23
C GLU A 35 -19.96 -1.42 4.14
N TYR A 36 -19.85 -2.30 3.15
CA TYR A 36 -18.61 -3.02 2.89
C TYR A 36 -18.16 -2.80 1.45
N ALA A 37 -16.86 -2.89 1.23
CA ALA A 37 -16.30 -2.97 -0.10
C ALA A 37 -16.10 -4.45 -0.39
N ILE A 38 -16.94 -5.00 -1.26
CA ILE A 38 -16.88 -6.42 -1.54
C ILE A 38 -16.11 -6.68 -2.82
N LYS A 39 -15.01 -7.42 -2.68
CA LYS A 39 -14.18 -7.78 -3.82
C LYS A 39 -14.75 -9.04 -4.45
N ILE A 40 -15.08 -8.97 -5.73
CA ILE A 40 -15.73 -10.08 -6.43
C ILE A 40 -14.80 -10.66 -7.48
N LEU A 41 -14.57 -11.96 -7.41
CA LEU A 41 -13.68 -12.63 -8.34
C LEU A 41 -14.38 -13.80 -9.00
N GLU A 42 -14.25 -13.89 -10.33
CA GLU A 42 -14.86 -14.98 -11.08
C GLU A 42 -13.97 -16.22 -11.06
N LYS A 43 -14.50 -17.31 -10.52
CA LYS A 43 -13.72 -18.54 -10.36
C LYS A 43 -13.14 -19.05 -11.68
N ARG A 44 -13.96 -19.12 -12.72
CA ARG A 44 -13.48 -19.68 -13.99
C ARG A 44 -12.29 -18.90 -14.51
N HIS A 45 -12.38 -17.58 -14.45
CA HIS A 45 -11.32 -16.73 -14.93
C HIS A 45 -10.06 -16.90 -14.11
N ILE A 46 -10.21 -17.05 -12.79
CA ILE A 46 -9.04 -17.27 -11.94
C ILE A 46 -8.36 -18.60 -12.28
N ILE A 47 -9.16 -19.65 -12.44
CA ILE A 47 -8.63 -20.95 -12.81
C ILE A 47 -7.93 -20.91 -14.17
N LYS A 48 -8.59 -20.30 -15.14
CA LYS A 48 -8.06 -20.18 -16.49
C LYS A 48 -6.71 -19.45 -16.55
N GLU A 49 -6.53 -18.44 -15.71
CA GLU A 49 -5.31 -17.64 -15.72
C GLU A 49 -4.25 -18.14 -14.74
N ASN A 50 -4.50 -19.31 -14.15
CA ASN A 50 -3.59 -19.87 -13.14
C ASN A 50 -3.30 -18.91 -12.00
N LYS A 51 -4.36 -18.39 -11.39
CA LYS A 51 -4.24 -17.43 -10.32
C LYS A 51 -4.78 -17.94 -8.99
N VAL A 52 -5.04 -19.24 -8.90
CA VAL A 52 -5.47 -19.81 -7.62
C VAL A 52 -4.45 -19.53 -6.51
N PRO A 53 -3.14 -19.66 -6.81
CA PRO A 53 -2.14 -19.32 -5.78
C PRO A 53 -2.27 -17.85 -5.38
N TYR A 54 -2.43 -17.00 -6.39
CA TYR A 54 -2.61 -15.56 -6.21
C TYR A 54 -3.75 -15.24 -5.24
N VAL A 55 -4.92 -15.79 -5.52
CA VAL A 55 -6.09 -15.48 -4.72
C VAL A 55 -6.00 -16.12 -3.33
N THR A 56 -5.41 -17.30 -3.28
CA THR A 56 -5.22 -18.01 -2.02
C THR A 56 -4.29 -17.21 -1.09
N ARG A 57 -3.23 -16.65 -1.65
CA ARG A 57 -2.29 -15.84 -0.89
C ARG A 57 -2.96 -14.57 -0.40
N GLU A 58 -3.73 -13.95 -1.29
CA GLU A 58 -4.44 -12.73 -0.94
C GLU A 58 -5.31 -12.94 0.30
N ARG A 59 -6.10 -14.00 0.28
CA ARG A 59 -6.99 -14.29 1.39
C ARG A 59 -6.22 -14.65 2.65
N ASP A 60 -5.15 -15.42 2.49
CA ASP A 60 -4.36 -15.86 3.63
C ASP A 60 -3.61 -14.70 4.30
N VAL A 61 -3.11 -13.77 3.51
CA VAL A 61 -2.44 -12.59 4.07
C VAL A 61 -3.44 -11.70 4.80
N MET A 62 -4.57 -11.43 4.14
CA MET A 62 -5.57 -10.55 4.72
C MET A 62 -6.16 -11.09 6.01
N SER A 63 -6.29 -12.40 6.11
CA SER A 63 -6.81 -13.01 7.32
C SER A 63 -5.88 -12.81 8.50
N ARG A 64 -4.61 -12.54 8.21
CA ARG A 64 -3.59 -12.41 9.24
C ARG A 64 -3.43 -10.97 9.72
N LEU A 65 -3.98 -10.03 8.98
CA LEU A 65 -3.83 -8.62 9.32
C LEU A 65 -4.88 -8.25 10.36
N ASP A 66 -4.40 -7.62 11.42
CA ASP A 66 -5.29 -7.07 12.43
C ASP A 66 -4.75 -5.74 12.93
N HIS A 67 -4.81 -4.72 12.08
CA HIS A 67 -4.18 -3.44 12.40
C HIS A 67 -4.95 -2.33 11.69
N PRO A 68 -5.15 -1.20 12.38
CA PRO A 68 -6.02 -0.15 11.81
C PRO A 68 -5.49 0.48 10.53
N PHE A 69 -4.22 0.32 10.21
CA PHE A 69 -3.70 0.92 8.97
C PHE A 69 -3.77 -0.04 7.79
N PHE A 70 -4.46 -1.16 7.96
CA PHE A 70 -4.66 -2.11 6.85
C PHE A 70 -6.13 -2.42 6.63
N VAL A 71 -6.46 -2.68 5.37
CA VAL A 71 -7.76 -3.23 5.01
C VAL A 71 -8.06 -4.41 5.91
N LYS A 72 -9.32 -4.56 6.30
CA LYS A 72 -9.77 -5.69 7.09
C LYS A 72 -10.63 -6.62 6.25
N LEU A 73 -10.41 -7.93 6.40
CA LEU A 73 -11.28 -8.92 5.78
C LEU A 73 -12.28 -9.37 6.83
N TYR A 74 -13.56 -9.07 6.61
CA TYR A 74 -14.60 -9.39 7.60
C TYR A 74 -15.22 -10.75 7.36
N PHE A 75 -15.37 -11.13 6.09
CA PHE A 75 -16.03 -12.40 5.75
C PHE A 75 -15.71 -12.78 4.32
N THR A 76 -15.97 -14.05 4.00
CA THR A 76 -15.88 -14.51 2.62
C THR A 76 -17.08 -15.41 2.35
N PHE A 77 -17.45 -15.51 1.08
CA PHE A 77 -18.41 -16.53 0.67
C PHE A 77 -18.29 -16.68 -0.84
N GLN A 78 -19.02 -17.63 -1.38
CA GLN A 78 -18.98 -17.84 -2.81
C GLN A 78 -20.34 -18.31 -3.28
N ASP A 79 -20.58 -18.19 -4.57
CA ASP A 79 -21.70 -18.88 -5.18
C ASP A 79 -21.16 -19.74 -6.32
N ASP A 80 -22.02 -20.20 -7.22
CA ASP A 80 -21.59 -21.07 -8.30
C ASP A 80 -20.45 -20.48 -9.12
N GLU A 81 -20.51 -19.18 -9.35
CA GLU A 81 -19.59 -18.57 -10.29
C GLU A 81 -18.49 -17.72 -9.66
N LYS A 82 -18.74 -17.13 -8.49
CA LYS A 82 -17.87 -16.08 -7.95
C LYS A 82 -17.41 -16.27 -6.51
N LEU A 83 -16.26 -15.68 -6.19
CA LEU A 83 -15.75 -15.55 -4.83
C LEU A 83 -16.03 -14.13 -4.35
N TYR A 84 -16.41 -13.96 -3.09
CA TYR A 84 -16.67 -12.64 -2.51
C TYR A 84 -15.81 -12.41 -1.26
N PHE A 85 -15.09 -11.29 -1.22
CA PHE A 85 -14.35 -10.90 -0.03
C PHE A 85 -14.97 -9.66 0.56
N GLY A 86 -15.46 -9.77 1.80
CA GLY A 86 -16.05 -8.62 2.45
C GLY A 86 -14.95 -7.80 3.12
N LEU A 87 -14.65 -6.63 2.55
CA LEU A 87 -13.55 -5.79 3.01
C LEU A 87 -14.01 -4.46 3.61
N SER A 88 -13.18 -3.87 4.46
CA SER A 88 -13.50 -2.54 4.95
C SER A 88 -13.55 -1.57 3.79
N TYR A 89 -14.47 -0.63 3.88
CA TYR A 89 -14.67 0.37 2.87
C TYR A 89 -13.94 1.64 3.28
N ALA A 90 -12.99 2.06 2.45
CA ALA A 90 -12.21 3.26 2.71
C ALA A 90 -12.91 4.44 2.05
N LYS A 91 -13.69 5.17 2.83
CA LYS A 91 -14.63 6.16 2.28
C LYS A 91 -13.97 7.25 1.44
N ASN A 92 -12.75 7.66 1.80
CA ASN A 92 -12.14 8.80 1.11
C ASN A 92 -11.26 8.44 -0.08
N GLY A 93 -11.21 7.16 -0.45
CA GLY A 93 -10.50 6.77 -1.66
C GLY A 93 -8.98 6.78 -1.57
N GLU A 94 -8.32 6.95 -2.71
CA GLU A 94 -6.86 6.81 -2.80
C GLU A 94 -6.06 8.02 -2.37
N LEU A 95 -4.94 7.77 -1.71
CA LEU A 95 -3.97 8.82 -1.42
C LEU A 95 -3.61 9.57 -2.70
N LEU A 96 -3.47 8.83 -3.80
CA LEU A 96 -3.12 9.43 -5.07
C LEU A 96 -4.08 10.56 -5.42
N LYS A 97 -5.36 10.35 -5.13
CA LYS A 97 -6.38 11.34 -5.39
C LYS A 97 -6.06 12.68 -4.73
N TYR A 98 -5.61 12.63 -3.48
CA TYR A 98 -5.28 13.85 -2.76
C TYR A 98 -3.99 14.49 -3.25
N ILE A 99 -3.05 13.66 -3.68
CA ILE A 99 -1.82 14.18 -4.25
C ILE A 99 -2.14 15.02 -5.49
N ARG A 100 -3.03 14.52 -6.34
CA ARG A 100 -3.41 15.25 -7.55
C ARG A 100 -4.30 16.45 -7.24
N LYS A 101 -5.18 16.29 -6.25
CA LYS A 101 -6.10 17.34 -5.85
C LYS A 101 -5.38 18.60 -5.36
N ILE A 102 -4.42 18.44 -4.46
CA ILE A 102 -3.73 19.59 -3.88
C ILE A 102 -2.31 19.77 -4.40
N GLY A 103 -1.89 18.89 -5.31
CA GLY A 103 -0.60 19.04 -5.98
C GLY A 103 0.58 18.42 -5.24
N SER A 104 0.80 18.88 -4.02
CA SER A 104 1.83 18.33 -3.16
C SER A 104 1.50 18.68 -1.71
N PHE A 105 2.08 17.93 -0.78
CA PHE A 105 1.77 18.06 0.63
C PHE A 105 2.74 19.02 1.31
N ASP A 106 2.27 19.76 2.30
CA ASP A 106 3.18 20.56 3.11
C ASP A 106 3.94 19.62 4.04
N GLU A 107 4.88 20.15 4.79
CA GLU A 107 5.76 19.29 5.57
C GLU A 107 5.02 18.54 6.67
N THR A 108 4.05 19.21 7.31
CA THR A 108 3.29 18.62 8.40
C THR A 108 2.48 17.42 7.93
N CYS A 109 1.82 17.55 6.78
CA CYS A 109 1.02 16.48 6.20
C CYS A 109 1.89 15.36 5.62
N THR A 110 3.01 15.72 5.01
CA THR A 110 3.97 14.72 4.54
C THR A 110 4.45 13.87 5.72
N ARG A 111 4.89 14.55 6.79
CA ARG A 111 5.37 13.88 8.00
C ARG A 111 4.30 12.95 8.59
N PHE A 112 3.09 13.46 8.80
CA PHE A 112 2.05 12.65 9.41
C PHE A 112 1.75 11.40 8.59
N TYR A 113 1.56 11.56 7.28
CA TYR A 113 1.20 10.43 6.43
C TYR A 113 2.36 9.48 6.16
N THR A 114 3.58 10.01 6.08
CA THR A 114 4.75 9.15 5.95
C THR A 114 4.87 8.27 7.20
N ALA A 115 4.62 8.87 8.37
CA ALA A 115 4.71 8.14 9.64
C ALA A 115 3.72 6.98 9.71
N GLU A 116 2.48 7.23 9.28
CA GLU A 116 1.49 6.16 9.23
C GLU A 116 1.95 5.00 8.35
N ILE A 117 2.49 5.29 7.18
CA ILE A 117 2.98 4.25 6.28
C ILE A 117 4.14 3.47 6.93
N VAL A 118 5.14 4.19 7.43
CA VAL A 118 6.25 3.55 8.14
C VAL A 118 5.72 2.64 9.24
N SER A 119 4.79 3.19 10.05
CA SER A 119 4.21 2.45 11.17
C SER A 119 3.44 1.21 10.67
N ALA A 120 2.77 1.34 9.53
CA ALA A 120 2.10 0.19 8.91
C ALA A 120 3.11 -0.84 8.43
N LEU A 121 4.18 -0.37 7.77
CA LEU A 121 5.20 -1.27 7.26
C LEU A 121 5.90 -2.00 8.41
N GLU A 122 6.12 -1.31 9.51
CA GLU A 122 6.73 -1.98 10.67
C GLU A 122 5.89 -3.18 11.12
N TYR A 123 4.58 -2.97 11.20
CA TYR A 123 3.65 -4.02 11.58
C TYR A 123 3.67 -5.16 10.56
N LEU A 124 3.59 -4.80 9.28
CA LEU A 124 3.56 -5.79 8.23
C LEU A 124 4.84 -6.60 8.23
N HIS A 125 5.98 -5.89 8.30
CA HIS A 125 7.25 -6.58 8.18
C HIS A 125 7.54 -7.46 9.40
N GLY A 126 6.95 -7.11 10.54
CA GLY A 126 7.08 -7.92 11.74
C GLY A 126 6.38 -9.27 11.63
N LYS A 127 5.45 -9.37 10.69
CA LYS A 127 4.74 -10.63 10.49
C LYS A 127 5.35 -11.42 9.34
N GLY A 128 6.50 -10.95 8.85
CA GLY A 128 7.18 -11.60 7.75
C GLY A 128 6.49 -11.45 6.40
N ILE A 129 5.76 -10.34 6.22
CA ILE A 129 5.06 -10.11 4.95
C ILE A 129 5.64 -8.93 4.18
N ILE A 130 5.85 -9.13 2.88
CA ILE A 130 6.27 -8.09 1.98
C ILE A 130 5.08 -7.73 1.07
N HIS A 131 4.81 -6.45 0.88
CA HIS A 131 3.70 -6.02 0.04
C HIS A 131 4.05 -6.18 -1.45
N ARG A 132 5.16 -5.57 -1.88
CA ARG A 132 5.69 -5.75 -3.23
C ARG A 132 5.07 -4.85 -4.30
N ASP A 133 4.00 -4.13 -3.93
CA ASP A 133 3.35 -3.23 -4.89
C ASP A 133 2.78 -2.03 -4.17
N LEU A 134 3.55 -1.51 -3.22
CA LEU A 134 3.08 -0.40 -2.43
C LEU A 134 3.07 0.87 -3.28
N LYS A 135 1.99 1.65 -3.19
CA LYS A 135 1.84 2.86 -4.01
C LYS A 135 0.63 3.66 -3.56
N PRO A 136 0.60 4.95 -3.90
CA PRO A 136 -0.47 5.83 -3.46
C PRO A 136 -1.85 5.37 -3.97
N GLU A 137 -1.87 4.51 -4.99
CA GLU A 137 -3.15 3.99 -5.50
C GLU A 137 -3.71 2.93 -4.55
N ASN A 138 -2.82 2.25 -3.83
CA ASN A 138 -3.15 1.15 -2.90
C ASN A 138 -3.24 1.60 -1.45
N ILE A 139 -2.82 2.83 -1.18
CA ILE A 139 -2.92 3.38 0.15
C ILE A 139 -4.20 4.21 0.18
N LEU A 140 -5.24 3.67 0.80
CA LEU A 140 -6.53 4.33 0.82
C LEU A 140 -6.68 5.19 2.07
N LEU A 141 -7.75 5.98 2.12
CA LEU A 141 -8.04 6.81 3.27
C LEU A 141 -9.44 6.55 3.80
N ASN A 142 -9.54 6.39 5.11
CA ASN A 142 -10.83 6.17 5.73
C ASN A 142 -11.60 7.45 5.89
N GLU A 143 -12.83 7.33 6.36
CA GLU A 143 -13.65 8.49 6.68
C GLU A 143 -12.92 9.44 7.62
N ASP A 144 -12.08 8.90 8.47
CA ASP A 144 -11.39 9.71 9.48
C ASP A 144 -10.05 10.22 8.96
N MET A 145 -9.78 9.95 7.69
CA MET A 145 -8.58 10.40 7.01
C MET A 145 -7.28 9.78 7.53
N HIS A 146 -7.39 8.62 8.19
CA HIS A 146 -6.23 7.77 8.47
C HIS A 146 -6.07 6.77 7.32
N ILE A 147 -4.84 6.33 7.05
CA ILE A 147 -4.59 5.40 5.94
C ILE A 147 -5.13 4.00 6.16
N GLN A 148 -5.32 3.31 5.05
CA GLN A 148 -5.74 1.93 5.06
C GLN A 148 -5.10 1.28 3.85
N ILE A 149 -4.06 0.51 4.07
CA ILE A 149 -3.33 -0.09 2.98
C ILE A 149 -4.06 -1.33 2.46
N THR A 150 -4.05 -1.46 1.16
CA THR A 150 -4.77 -2.50 0.49
C THR A 150 -3.98 -3.19 -0.60
N ASP A 151 -4.60 -4.20 -1.18
CA ASP A 151 -4.13 -4.92 -2.36
C ASP A 151 -3.03 -5.91 -2.09
N PHE A 152 -3.38 -7.05 -1.54
CA PHE A 152 -2.41 -8.02 -1.06
C PHE A 152 -2.26 -9.27 -1.93
N GLY A 153 -2.96 -9.31 -3.05
CA GLY A 153 -2.86 -10.43 -3.96
C GLY A 153 -1.40 -10.69 -4.35
N THR A 154 -0.64 -9.62 -4.49
CA THR A 154 0.75 -9.75 -4.93
C THR A 154 1.77 -9.78 -3.79
N ALA A 155 1.28 -9.85 -2.54
CA ALA A 155 2.17 -9.91 -1.37
C ALA A 155 2.97 -11.20 -1.34
N LYS A 156 4.12 -11.16 -0.66
CA LYS A 156 4.91 -12.36 -0.48
C LYS A 156 5.04 -12.65 1.02
N VAL A 157 4.83 -13.90 1.40
CA VAL A 157 4.98 -14.30 2.80
C VAL A 157 6.30 -15.03 2.95
N LEU A 158 7.18 -14.47 3.78
CA LEU A 158 8.57 -14.93 3.89
C LEU A 158 8.75 -16.30 4.55
N SER A 159 9.92 -16.88 4.34
CA SER A 159 10.23 -18.27 4.67
C SER A 159 9.57 -19.15 3.61
N PHE A 170 6.86 -11.95 -9.55
CA PHE A 170 5.98 -10.88 -9.97
C PHE A 170 6.70 -9.54 -9.93
N VAL A 171 6.28 -8.61 -10.80
CA VAL A 171 6.82 -7.25 -10.79
C VAL A 171 5.69 -6.22 -10.63
N GLY A 172 5.83 -5.35 -9.65
CA GLY A 172 4.82 -4.35 -9.34
C GLY A 172 4.65 -3.25 -10.37
N THR A 173 4.24 -2.07 -9.91
CA THR A 173 4.02 -0.92 -10.79
C THR A 173 5.34 -0.24 -11.13
N ALA A 174 5.57 -0.06 -12.43
CA ALA A 174 6.87 0.39 -12.96
C ALA A 174 7.56 1.46 -12.12
N GLN A 175 6.85 2.55 -11.80
CA GLN A 175 7.45 3.69 -11.12
C GLN A 175 7.93 3.43 -9.69
N TYR A 176 7.50 2.32 -9.09
CA TYR A 176 7.83 2.02 -7.70
C TYR A 176 8.64 0.72 -7.55
N VAL A 177 8.94 0.09 -8.68
CA VAL A 177 9.73 -1.14 -8.70
C VAL A 177 11.14 -0.88 -8.18
N SER A 178 11.59 -1.74 -7.28
CA SER A 178 12.93 -1.62 -6.70
C SER A 178 13.95 -2.23 -7.67
N PRO A 179 15.19 -1.69 -7.64
CA PRO A 179 16.27 -2.16 -8.53
C PRO A 179 16.49 -3.67 -8.47
N GLU A 180 16.40 -4.28 -7.28
CA GLU A 180 16.67 -5.72 -7.16
C GLU A 180 15.72 -6.58 -7.97
N LEU A 181 14.48 -6.13 -8.10
CA LEU A 181 13.50 -6.80 -8.95
C LEU A 181 13.90 -6.76 -10.42
N LEU A 182 14.63 -5.72 -10.82
CA LEU A 182 15.03 -5.56 -12.22
C LEU A 182 16.31 -6.35 -12.54
N THR A 183 17.05 -6.73 -11.50
CA THR A 183 18.37 -7.31 -11.68
C THR A 183 18.50 -8.71 -11.09
N GLU A 184 17.46 -9.21 -10.43
CA GLU A 184 17.56 -10.50 -9.76
C GLU A 184 16.26 -11.31 -9.73
N LYS A 185 15.13 -10.63 -9.96
CA LYS A 185 13.81 -11.27 -9.82
C LYS A 185 13.44 -11.48 -8.35
N SER A 186 14.24 -10.94 -7.44
CA SER A 186 14.04 -11.19 -6.01
C SER A 186 13.47 -9.98 -5.26
N ALA A 187 12.64 -10.28 -4.25
CA ALA A 187 12.04 -9.24 -3.42
C ALA A 187 12.29 -9.53 -1.93
N CYS A 188 12.44 -8.46 -1.15
CA CYS A 188 12.64 -8.57 0.28
C CYS A 188 11.92 -7.40 0.93
N LYS A 189 11.93 -7.36 2.26
CA LYS A 189 11.25 -6.29 2.99
C LYS A 189 11.76 -4.95 2.52
N SER A 190 13.05 -4.89 2.26
CA SER A 190 13.66 -3.64 1.82
C SER A 190 13.06 -3.12 0.50
N SER A 191 12.42 -4.00 -0.28
CA SER A 191 11.75 -3.56 -1.52
C SER A 191 10.60 -2.62 -1.23
N ASP A 192 9.89 -2.86 -0.12
CA ASP A 192 8.85 -1.93 0.35
C ASP A 192 9.41 -0.58 0.81
N LEU A 193 10.62 -0.58 1.38
CA LEU A 193 11.25 0.66 1.83
C LEU A 193 11.67 1.52 0.63
N TRP A 194 12.03 0.86 -0.47
CA TRP A 194 12.32 1.60 -1.69
C TRP A 194 11.05 2.31 -2.17
N ALA A 195 9.94 1.57 -2.17
CA ALA A 195 8.64 2.12 -2.53
C ALA A 195 8.28 3.29 -1.62
N LEU A 196 8.53 3.14 -0.33
CA LEU A 196 8.30 4.23 0.61
C LEU A 196 9.07 5.50 0.22
N GLY A 197 10.34 5.34 -0.16
CA GLY A 197 11.15 6.48 -0.59
C GLY A 197 10.52 7.19 -1.80
N CYS A 198 10.02 6.42 -2.77
CA CYS A 198 9.37 6.98 -3.95
C CYS A 198 8.10 7.75 -3.55
N ILE A 199 7.36 7.18 -2.61
CA ILE A 199 6.12 7.79 -2.16
C ILE A 199 6.36 9.10 -1.40
N ILE A 200 7.31 9.10 -0.48
CA ILE A 200 7.66 10.34 0.22
C ILE A 200 8.09 11.42 -0.75
N TYR A 201 8.89 11.03 -1.74
CA TYR A 201 9.33 11.98 -2.75
C TYR A 201 8.09 12.52 -3.47
N GLN A 202 7.16 11.63 -3.77
CA GLN A 202 5.95 12.03 -4.51
C GLN A 202 5.03 12.95 -3.70
N LEU A 203 4.88 12.66 -2.41
CA LEU A 203 4.12 13.55 -1.52
C LEU A 203 4.69 14.97 -1.52
N VAL A 204 6.02 15.06 -1.49
CA VAL A 204 6.66 16.36 -1.38
C VAL A 204 6.77 17.09 -2.72
N ALA A 205 7.14 16.35 -3.77
CA ALA A 205 7.36 16.94 -5.08
C ALA A 205 6.10 17.00 -5.93
N GLY A 206 5.13 16.14 -5.65
CA GLY A 206 3.91 16.07 -6.44
C GLY A 206 3.97 15.02 -7.54
N LEU A 207 5.14 14.42 -7.73
CA LEU A 207 5.35 13.41 -8.78
C LEU A 207 6.35 12.35 -8.30
N PRO A 208 6.23 11.13 -8.84
CA PRO A 208 7.17 10.05 -8.54
C PRO A 208 8.56 10.42 -9.02
N PRO A 209 9.61 9.93 -8.36
CA PRO A 209 11.02 10.26 -8.67
C PRO A 209 11.44 9.83 -10.09
N PHE A 210 11.10 8.61 -10.47
CA PHE A 210 11.53 8.06 -11.75
C PHE A 210 10.40 8.09 -12.79
N ARG A 211 10.55 8.98 -13.78
CA ARG A 211 9.53 9.17 -14.81
C ARG A 211 10.12 9.15 -16.22
N ALA A 212 9.43 8.52 -17.15
CA ALA A 212 9.87 8.43 -18.55
C ALA A 212 8.73 8.00 -19.46
N GLY A 213 9.02 7.92 -20.76
CA GLY A 213 7.99 7.67 -21.76
C GLY A 213 7.42 6.26 -21.80
N ASN A 214 8.16 5.29 -21.29
CA ASN A 214 7.67 3.92 -21.25
C ASN A 214 8.34 3.15 -20.11
N GLU A 215 7.86 1.95 -19.83
CA GLU A 215 8.41 1.15 -18.75
C GLU A 215 9.90 0.93 -18.91
N TYR A 216 10.30 0.54 -20.12
CA TYR A 216 11.73 0.29 -20.36
C TYR A 216 12.60 1.45 -19.90
N LEU A 217 12.22 2.67 -20.26
CA LEU A 217 13.02 3.84 -19.92
C LEU A 217 12.94 4.19 -18.43
N ILE A 218 11.84 3.83 -17.79
CA ILE A 218 11.71 4.02 -16.35
C ILE A 218 12.61 3.05 -15.61
N PHE A 219 12.54 1.78 -16.01
CA PHE A 219 13.41 0.76 -15.44
C PHE A 219 14.89 1.12 -15.59
N GLN A 220 15.23 1.72 -16.74
CA GLN A 220 16.57 2.23 -16.98
C GLN A 220 17.00 3.28 -15.97
N LYS A 221 16.13 4.23 -15.68
CA LYS A 221 16.44 5.28 -14.71
C LYS A 221 16.59 4.72 -13.30
N ILE A 222 15.70 3.79 -12.96
CA ILE A 222 15.74 3.18 -11.65
C ILE A 222 17.10 2.54 -11.37
N ILE A 223 17.58 1.68 -12.28
CA ILE A 223 18.82 0.95 -12.03
C ILE A 223 20.07 1.84 -12.10
N LYS A 224 19.92 3.02 -12.68
CA LYS A 224 21.02 3.98 -12.68
C LYS A 224 20.83 4.99 -11.55
N LEU A 225 19.77 4.79 -10.76
CA LEU A 225 19.43 5.72 -9.68
C LEU A 225 19.35 7.13 -10.24
N GLU A 226 18.69 7.27 -11.38
CA GLU A 226 18.65 8.51 -12.11
C GLU A 226 17.40 9.35 -11.80
N TYR A 227 17.53 10.25 -10.82
CA TYR A 227 16.47 11.18 -10.47
C TYR A 227 17.12 12.35 -9.74
N ASP A 228 16.39 13.44 -9.54
CA ASP A 228 16.88 14.48 -8.66
C ASP A 228 15.75 15.22 -7.94
N PHE A 229 16.12 16.04 -6.96
CA PHE A 229 15.15 16.72 -6.10
C PHE A 229 14.88 18.13 -6.62
N PRO A 230 13.62 18.58 -6.53
CA PRO A 230 13.29 19.98 -6.81
C PRO A 230 13.94 20.87 -5.77
N GLU A 231 14.03 22.17 -6.03
CA GLU A 231 14.76 23.08 -5.15
C GLU A 231 14.14 23.23 -3.75
N LYS A 232 12.82 23.16 -3.67
CA LYS A 232 12.11 23.46 -2.43
C LYS A 232 12.05 22.28 -1.45
N PHE A 233 12.33 21.09 -1.94
CA PHE A 233 12.22 19.85 -1.18
C PHE A 233 12.69 20.00 0.28
N PHE A 234 11.82 19.70 1.24
CA PHE A 234 12.17 19.82 2.66
C PHE A 234 13.47 19.08 2.90
N PRO A 235 14.47 19.77 3.46
CA PRO A 235 15.82 19.22 3.63
C PRO A 235 15.87 17.89 4.39
N LYS A 236 15.13 17.76 5.49
CA LYS A 236 15.18 16.52 6.25
C LYS A 236 14.47 15.37 5.50
N ALA A 237 13.39 15.69 4.80
CA ALA A 237 12.74 14.69 3.96
C ALA A 237 13.67 14.27 2.82
N ARG A 238 14.42 15.23 2.27
CA ARG A 238 15.39 14.89 1.26
C ARG A 238 16.42 13.90 1.79
N ASP A 239 16.97 14.19 2.96
CA ASP A 239 17.94 13.28 3.57
C ASP A 239 17.34 11.89 3.75
N LEU A 240 16.09 11.84 4.21
CA LEU A 240 15.42 10.56 4.43
C LEU A 240 15.28 9.78 3.13
N VAL A 241 14.84 10.46 2.07
CA VAL A 241 14.64 9.81 0.77
C VAL A 241 15.98 9.31 0.22
N GLU A 242 17.03 10.10 0.42
CA GLU A 242 18.37 9.64 0.01
C GLU A 242 18.80 8.39 0.77
N LYS A 243 18.29 8.21 1.98
CA LYS A 243 18.62 7.03 2.77
C LYS A 243 17.71 5.82 2.45
N LEU A 244 16.66 6.05 1.66
CA LEU A 244 15.75 4.97 1.24
C LEU A 244 15.94 4.57 -0.21
N LEU A 245 16.12 5.56 -1.08
CA LEU A 245 16.42 5.26 -2.48
C LEU A 245 17.90 4.94 -2.65
N VAL A 246 18.27 3.74 -2.24
CA VAL A 246 19.65 3.27 -2.28
C VAL A 246 19.64 1.97 -3.05
N LEU A 247 20.49 1.87 -4.06
CA LEU A 247 20.47 0.69 -4.93
C LEU A 247 20.73 -0.63 -4.18
N ASP A 248 21.70 -0.61 -3.27
CA ASP A 248 21.98 -1.77 -2.43
C ASP A 248 20.88 -1.93 -1.39
N ALA A 249 20.07 -2.98 -1.55
CA ALA A 249 18.91 -3.20 -0.68
C ALA A 249 19.28 -3.38 0.80
N THR A 250 20.54 -3.71 1.09
CA THR A 250 20.95 -3.95 2.47
C THR A 250 21.39 -2.68 3.17
N LYS A 251 21.31 -1.57 2.47
CA LYS A 251 21.75 -0.30 3.01
C LYS A 251 20.64 0.74 3.13
N ARG A 252 19.41 0.32 2.87
CA ARG A 252 18.25 1.20 3.06
C ARG A 252 17.85 1.31 4.52
N LEU A 253 17.64 2.55 4.98
CA LEU A 253 17.23 2.83 6.34
C LEU A 253 15.93 2.07 6.63
N GLY A 254 15.93 1.25 7.68
CA GLY A 254 14.75 0.47 8.04
C GLY A 254 14.89 -1.02 7.85
N CYS A 255 15.80 -1.46 6.98
CA CYS A 255 16.01 -2.88 6.74
C CYS A 255 16.79 -3.49 7.90
N GLU A 256 16.73 -4.83 8.00
CA GLU A 256 17.38 -5.57 9.08
C GLU A 256 18.87 -5.32 9.20
N GLU A 257 19.53 -5.21 8.05
CA GLU A 257 20.99 -5.03 8.05
C GLU A 257 21.35 -3.66 8.61
N MET A 258 20.39 -2.74 8.55
CA MET A 258 20.58 -1.42 9.14
C MET A 258 19.94 -1.32 10.53
N GLU A 259 19.59 -2.47 11.08
CA GLU A 259 19.09 -2.58 12.45
C GLU A 259 17.64 -2.14 12.59
N GLY A 260 16.86 -2.29 11.52
CA GLY A 260 15.42 -2.26 11.65
C GLY A 260 14.75 -0.91 11.73
N TYR A 261 13.54 -0.90 12.29
CA TYR A 261 12.69 0.27 12.28
C TYR A 261 13.07 1.35 13.29
N GLY A 262 13.82 1.00 14.32
CA GLY A 262 14.24 2.01 15.28
C GLY A 262 14.97 3.19 14.65
N PRO A 263 16.06 2.93 13.94
CA PRO A 263 16.78 4.02 13.29
C PRO A 263 15.93 4.75 12.22
N LEU A 264 15.05 4.05 11.51
CA LEU A 264 14.16 4.72 10.57
C LEU A 264 13.26 5.71 11.31
N LYS A 265 12.59 5.23 12.35
CA LYS A 265 11.71 6.08 13.15
C LYS A 265 12.44 7.21 13.90
N ALA A 266 13.73 7.03 14.14
CA ALA A 266 14.53 8.06 14.81
C ALA A 266 15.04 9.13 13.85
N HIS A 267 14.72 9.01 12.56
CA HIS A 267 15.22 9.98 11.60
C HIS A 267 14.72 11.38 11.97
N PRO A 268 15.58 12.40 11.79
CA PRO A 268 15.27 13.80 12.14
C PRO A 268 13.97 14.31 11.52
N PHE A 269 13.66 13.84 10.32
CA PHE A 269 12.41 14.24 9.69
C PHE A 269 11.22 13.94 10.60
N PHE A 270 11.33 12.87 11.40
CA PHE A 270 10.23 12.44 12.25
C PHE A 270 10.32 12.94 13.69
N GLU A 271 11.19 13.91 13.92
CA GLU A 271 11.50 14.33 15.29
C GLU A 271 10.25 14.56 16.16
N SER A 272 9.26 15.27 15.61
CA SER A 272 8.06 15.63 16.37
C SER A 272 6.98 14.54 16.42
N VAL A 273 7.20 13.42 15.74
CA VAL A 273 6.21 12.34 15.68
C VAL A 273 6.14 11.52 16.96
N THR A 274 4.92 11.28 17.43
CA THR A 274 4.69 10.32 18.51
C THR A 274 4.17 9.03 17.89
N TRP A 275 5.01 8.00 17.93
CA TRP A 275 4.80 6.76 17.18
C TRP A 275 3.80 5.81 17.79
N GLU A 276 3.60 5.91 19.11
CA GLU A 276 2.83 4.93 19.85
C GLU A 276 1.33 4.95 19.53
N ASN A 277 0.80 6.12 19.19
CA ASN A 277 -0.64 6.23 19.01
C ASN A 277 -1.08 7.06 17.81
N LEU A 278 -0.43 6.85 16.67
CA LEU A 278 -0.76 7.60 15.46
C LEU A 278 -2.25 7.53 15.12
N HIS A 279 -2.83 6.35 15.27
CA HIS A 279 -4.24 6.16 14.90
C HIS A 279 -5.19 6.91 15.83
N GLN A 280 -4.69 7.33 16.98
CA GLN A 280 -5.50 8.11 17.93
C GLN A 280 -5.36 9.61 17.68
N GLN A 281 -4.37 9.98 16.88
CA GLN A 281 -4.13 11.40 16.59
C GLN A 281 -5.07 11.86 15.48
N THR A 282 -5.31 13.17 15.44
CA THR A 282 -6.16 13.75 14.40
C THR A 282 -5.31 14.19 13.23
N PRO A 283 -5.55 13.62 12.04
CA PRO A 283 -4.74 13.96 10.87
C PRO A 283 -4.79 15.45 10.53
N PRO A 284 -3.66 16.00 10.09
CA PRO A 284 -3.58 17.39 9.65
C PRO A 284 -4.47 17.59 8.43
N LYS A 285 -5.19 18.70 8.35
CA LYS A 285 -6.08 18.95 7.21
C LYS A 285 -5.30 19.09 5.89
N LEU A 286 -5.82 18.47 4.83
CA LEU A 286 -5.19 18.51 3.52
C LEU A 286 -5.73 19.64 2.64
#